data_7DF7
#
_entry.id   7DF7
#
_cell.length_a   49.620
_cell.length_b   56.280
_cell.length_c   81.100
_cell.angle_alpha   90.000
_cell.angle_beta   90.000
_cell.angle_gamma   90.000
#
_symmetry.space_group_name_H-M   'P 21 21 21'
#
loop_
_entity.id
_entity.type
_entity.pdbx_description
1 polymer Myotrophin
2 water water
#
_entity_poly.entity_id   1
_entity_poly.type   'polypeptide(L)'
_entity_poly.pdbx_seq_one_letter_code
;GPLGSMCDKEFMWALKNGDLDEVKDYVAKGEDVNRTLEGGRKPLHYAADCGQLEILEFLLLKGADINAPDKHHITPLLSA
VYEGHVSCVKLLLSKGADKTVKGPDGLTAFEATDNQAIKALLQ
;
_entity_poly.pdbx_strand_id   A,B
#
# COMPACT_ATOMS: atom_id res chain seq x y z
N MET A 6 5.38 1.53 -6.07
CA MET A 6 6.18 1.72 -4.83
C MET A 6 5.37 2.53 -3.82
N CYS A 7 5.18 1.97 -2.63
CA CYS A 7 4.43 2.67 -1.57
C CYS A 7 5.05 2.33 -0.23
N ASP A 8 4.73 3.11 0.78
CA ASP A 8 5.31 2.85 2.09
C ASP A 8 4.86 1.49 2.64
N LYS A 9 3.61 1.11 2.37
CA LYS A 9 3.07 -0.13 2.92
C LYS A 9 3.91 -1.34 2.52
N GLU A 10 4.37 -1.37 1.27
CA GLU A 10 5.26 -2.45 0.84
C GLU A 10 6.65 -2.28 1.44
N PHE A 11 7.11 -1.04 1.58
CA PHE A 11 8.43 -0.79 2.17
C PHE A 11 8.48 -1.30 3.61
N MET A 12 7.44 -0.99 4.40
CA MET A 12 7.38 -1.48 5.77
C MET A 12 7.34 -3.00 5.81
N TRP A 13 6.64 -3.62 4.86
CA TRP A 13 6.60 -5.08 4.81
C TRP A 13 7.98 -5.66 4.53
N ALA A 14 8.72 -5.06 3.59
CA ALA A 14 10.04 -5.56 3.25
C ALA A 14 10.99 -5.50 4.44
N LEU A 15 10.97 -4.38 5.17
CA LEU A 15 11.81 -4.26 6.36
C LEU A 15 11.39 -5.26 7.43
N LYS A 16 10.09 -5.52 7.54
CA LYS A 16 9.61 -6.44 8.57
C LYS A 16 9.90 -7.89 8.22
N ASN A 17 9.76 -8.27 7.00
CA ASN A 17 9.84 -9.66 6.57
C ASN A 17 11.23 -10.04 6.06
N GLY A 18 12.21 -9.26 5.99
CA GLY A 18 13.53 -9.69 5.59
C GLY A 18 13.84 -9.58 4.12
N ASP A 19 12.97 -8.94 3.34
CA ASP A 19 13.20 -8.80 1.89
C ASP A 19 14.27 -7.74 1.66
N LEU A 20 15.53 -8.19 1.71
CA LEU A 20 16.65 -7.27 1.57
C LEU A 20 16.71 -6.67 0.18
N ASP A 21 16.39 -7.47 -0.85
CA ASP A 21 16.46 -6.97 -2.22
C ASP A 21 15.42 -5.87 -2.46
N GLU A 22 14.22 -6.03 -1.90
CA GLU A 22 13.21 -4.99 -2.03
C GLU A 22 13.62 -3.74 -1.27
N VAL A 23 14.24 -3.91 -0.10
CA VAL A 23 14.74 -2.75 0.65
C VAL A 23 15.84 -2.05 -0.14
N LYS A 24 16.71 -2.82 -0.79
CA LYS A 24 17.73 -2.24 -1.64
C LYS A 24 17.11 -1.53 -2.85
N ASP A 25 15.98 -2.04 -3.34
CA ASP A 25 15.29 -1.40 -4.46
C ASP A 25 14.83 0.00 -4.09
N TYR A 26 14.17 0.13 -2.93
CA TYR A 26 13.64 1.42 -2.52
C TYR A 26 14.75 2.44 -2.31
N VAL A 27 15.83 2.04 -1.64
CA VAL A 27 16.93 2.95 -1.38
C VAL A 27 17.57 3.39 -2.69
N ALA A 28 17.81 2.45 -3.59
CA ALA A 28 18.41 2.79 -4.89
C ALA A 28 17.50 3.68 -5.71
N LYS A 29 16.19 3.60 -5.49
CA LYS A 29 15.23 4.40 -6.23
C LYS A 29 14.92 5.73 -5.56
N GLY A 30 15.70 6.11 -4.55
CA GLY A 30 15.59 7.43 -3.93
C GLY A 30 15.13 7.45 -2.49
N GLU A 31 14.82 6.32 -1.86
CA GLU A 31 14.26 6.33 -0.51
C GLU A 31 15.30 6.79 0.51
N ASP A 32 14.84 7.55 1.49
CA ASP A 32 15.68 8.02 2.59
C ASP A 32 15.56 7.05 3.76
N VAL A 33 16.70 6.52 4.22
CA VAL A 33 16.71 5.48 5.23
C VAL A 33 16.41 6.05 6.61
N ASN A 34 16.28 7.37 6.69
CA ASN A 34 15.98 8.04 7.94
C ASN A 34 14.57 8.62 7.98
N ARG A 35 13.82 8.56 6.88
CA ARG A 35 12.48 9.12 6.86
C ARG A 35 11.53 8.26 7.69
N THR A 36 10.75 8.91 8.54
CA THR A 36 9.68 8.23 9.27
C THR A 36 8.55 7.90 8.29
N LEU A 37 8.25 6.61 8.16
CA LEU A 37 7.27 6.15 7.18
C LEU A 37 5.85 6.47 7.64
N GLU A 38 4.87 6.07 6.83
CA GLU A 38 3.47 6.35 7.15
C GLU A 38 3.05 5.70 8.45
N GLY A 39 3.68 4.58 8.81
CA GLY A 39 3.36 3.87 10.04
C GLY A 39 3.85 4.51 11.31
N GLY A 40 4.62 5.61 11.22
CA GLY A 40 5.11 6.29 12.38
C GLY A 40 6.46 5.82 12.89
N ARG A 41 7.14 4.94 12.17
CA ARG A 41 8.45 4.45 12.56
C ARG A 41 9.41 4.58 11.38
N LYS A 42 10.70 4.56 11.70
CA LYS A 42 11.75 4.61 10.70
C LYS A 42 12.16 3.21 10.30
N PRO A 43 12.85 3.07 9.16
CA PRO A 43 13.28 1.73 8.71
C PRO A 43 13.99 0.91 9.79
N LEU A 44 14.89 1.52 10.56
CA LEU A 44 15.60 0.78 11.60
C LEU A 44 14.65 0.21 12.64
N HIS A 45 13.57 0.93 12.94
CA HIS A 45 12.60 0.44 13.93
C HIS A 45 11.89 -0.81 13.44
N TYR A 46 11.50 -0.84 12.17
CA TYR A 46 10.80 -2.01 11.64
C TYR A 46 11.73 -3.21 11.55
N ALA A 47 12.99 -2.99 11.15
CA ALA A 47 13.93 -4.09 11.06
C ALA A 47 14.29 -4.64 12.43
N ALA A 48 14.53 -3.76 13.40
CA ALA A 48 14.89 -4.21 14.74
C ALA A 48 13.74 -4.90 15.44
N ASP A 49 12.51 -4.41 15.22
CA ASP A 49 11.35 -5.01 15.88
C ASP A 49 11.13 -6.46 15.45
N CYS A 50 11.44 -6.77 14.19
CA CYS A 50 11.23 -8.11 13.66
C CYS A 50 12.53 -8.92 13.57
N GLY A 51 13.61 -8.41 14.15
CA GLY A 51 14.85 -9.17 14.21
C GLY A 51 15.54 -9.39 12.88
N GLN A 52 15.37 -8.47 11.93
CA GLN A 52 16.00 -8.59 10.62
C GLN A 52 17.43 -8.06 10.71
N LEU A 53 18.35 -8.95 11.08
CA LEU A 53 19.74 -8.54 11.32
C LEU A 53 20.39 -8.03 10.05
N GLU A 54 20.15 -8.69 8.92
CA GLU A 54 20.80 -8.29 7.67
C GLU A 54 20.32 -6.91 7.23
N ILE A 55 19.03 -6.61 7.43
CA ILE A 55 18.52 -5.30 7.04
C ILE A 55 19.07 -4.21 7.95
N LEU A 56 19.18 -4.49 9.25
CA LEU A 56 19.79 -3.55 10.18
C LEU A 56 21.18 -3.14 9.70
N GLU A 57 21.99 -4.13 9.31
CA GLU A 57 23.34 -3.84 8.82
C GLU A 57 23.29 -2.95 7.58
N PHE A 58 22.43 -3.29 6.62
CA PHE A 58 22.35 -2.52 5.38
C PHE A 58 21.88 -1.09 5.65
N LEU A 59 20.93 -0.92 6.57
CA LEU A 59 20.41 0.42 6.84
C LEU A 59 21.47 1.30 7.49
N LEU A 60 22.24 0.75 8.44
CA LEU A 60 23.27 1.55 9.10
C LEU A 60 24.37 1.96 8.13
N LEU A 61 24.74 1.06 7.20
CA LEU A 61 25.78 1.40 6.24
C LEU A 61 25.34 2.50 5.30
N LYS A 62 24.04 2.64 5.05
CA LYS A 62 23.51 3.71 4.21
C LYS A 62 23.26 4.99 4.97
N GLY A 63 23.67 5.07 6.24
CA GLY A 63 23.62 6.30 7.00
C GLY A 63 22.44 6.48 7.92
N ALA A 64 21.80 5.39 8.35
CA ALA A 64 20.63 5.50 9.22
C ALA A 64 21.05 5.86 10.64
N ASP A 65 20.35 6.83 11.23
CA ASP A 65 20.61 7.24 12.61
C ASP A 65 20.24 6.10 13.55
N ILE A 66 21.25 5.56 14.24
CA ILE A 66 21.02 4.39 15.10
C ILE A 66 20.23 4.73 16.35
N ASN A 67 20.13 6.02 16.71
CA ASN A 67 19.46 6.44 17.93
C ASN A 67 18.17 7.21 17.68
N ALA A 68 17.74 7.32 16.43
CA ALA A 68 16.56 8.12 16.12
C ALA A 68 15.31 7.48 16.73
N PRO A 69 14.38 8.28 17.24
CA PRO A 69 13.15 7.73 17.81
C PRO A 69 12.03 7.64 16.78
N ASP A 70 11.04 6.81 17.09
CA ASP A 70 9.82 6.75 16.31
C ASP A 70 8.82 7.76 16.90
N LYS A 71 7.55 7.64 16.54
CA LYS A 71 6.54 8.54 17.10
C LYS A 71 6.19 8.22 18.55
N HIS A 72 6.81 7.20 19.15
CA HIS A 72 6.48 6.76 20.50
C HIS A 72 7.69 6.77 21.42
N HIS A 73 8.71 7.57 21.11
CA HIS A 73 9.91 7.69 21.95
C HIS A 73 10.61 6.35 22.11
N ILE A 74 10.75 5.62 21.01
CA ILE A 74 11.36 4.29 21.00
C ILE A 74 12.51 4.29 20.01
N THR A 75 13.67 3.80 20.45
CA THR A 75 14.87 3.68 19.63
C THR A 75 14.93 2.30 18.97
N PRO A 76 15.75 2.14 17.94
CA PRO A 76 15.96 0.79 17.39
C PRO A 76 16.50 -0.20 18.40
N LEU A 77 17.35 0.25 19.33
CA LEU A 77 17.85 -0.66 20.36
C LEU A 77 16.72 -1.14 21.27
N LEU A 78 15.84 -0.22 21.68
CA LEU A 78 14.71 -0.61 22.52
C LEU A 78 13.76 -1.54 21.77
N SER A 79 13.57 -1.30 20.47
CA SER A 79 12.67 -2.15 19.68
C SER A 79 13.21 -3.57 19.59
N ALA A 80 14.53 -3.73 19.42
CA ALA A 80 15.11 -5.06 19.39
C ALA A 80 15.06 -5.73 20.75
N VAL A 81 15.18 -4.94 21.83
CA VAL A 81 15.16 -5.51 23.17
C VAL A 81 13.76 -5.99 23.54
N TYR A 82 12.73 -5.25 23.12
CA TYR A 82 11.36 -5.60 23.49
C TYR A 82 10.97 -6.99 23.00
N GLU A 83 11.49 -7.41 21.85
CA GLU A 83 11.16 -8.70 21.28
C GLU A 83 12.26 -9.74 21.46
N GLY A 84 13.33 -9.40 22.17
CA GLY A 84 14.35 -10.38 22.51
C GLY A 84 15.23 -10.83 21.36
N HIS A 85 15.53 -9.93 20.42
CA HIS A 85 16.41 -10.25 19.30
C HIS A 85 17.85 -10.03 19.75
N VAL A 86 18.47 -11.10 20.26
CA VAL A 86 19.77 -10.98 20.91
C VAL A 86 20.83 -10.52 19.92
N SER A 87 20.87 -11.13 18.74
CA SER A 87 21.88 -10.76 17.75
C SER A 87 21.69 -9.33 17.27
N CYS A 88 20.45 -8.86 17.20
CA CYS A 88 20.20 -7.46 16.82
C CYS A 88 20.65 -6.51 17.92
N VAL A 89 20.45 -6.91 19.19
CA VAL A 89 20.94 -6.10 20.30
C VAL A 89 22.46 -6.02 20.26
N LYS A 90 23.12 -7.14 19.94
CA LYS A 90 24.58 -7.16 19.87
C LYS A 90 25.09 -6.23 18.78
N LEU A 91 24.49 -6.30 17.59
CA LEU A 91 24.95 -5.47 16.49
C LEU A 91 24.71 -3.99 16.76
N LEU A 92 23.54 -3.64 17.28
CA LEU A 92 23.25 -2.24 17.55
C LEU A 92 24.16 -1.68 18.63
N LEU A 93 24.40 -2.46 19.70
CA LEU A 93 25.29 -2.02 20.75
C LEU A 93 26.73 -1.86 20.23
N SER A 94 27.18 -2.81 19.41
CA SER A 94 28.53 -2.73 18.86
C SER A 94 28.70 -1.58 17.90
N LYS A 95 27.60 -0.99 17.40
CA LYS A 95 27.67 0.14 16.49
C LYS A 95 27.46 1.47 17.21
N GLY A 96 27.34 1.47 18.53
CA GLY A 96 27.25 2.70 19.29
C GLY A 96 25.86 3.17 19.61
N ALA A 97 24.92 2.26 19.85
CA ALA A 97 23.56 2.64 20.19
C ALA A 97 23.49 3.07 21.65
N ASP A 98 22.84 4.21 21.90
CA ASP A 98 22.73 4.76 23.25
C ASP A 98 21.83 3.87 24.09
N LYS A 99 22.42 3.20 25.08
CA LYS A 99 21.68 2.30 25.96
C LYS A 99 20.97 3.02 27.11
N THR A 100 21.02 4.35 27.15
CA THR A 100 20.47 5.13 28.26
C THR A 100 19.15 5.81 27.92
N VAL A 101 18.65 5.66 26.69
CA VAL A 101 17.38 6.28 26.32
C VAL A 101 16.24 5.57 27.02
N LYS A 102 15.26 6.34 27.49
CA LYS A 102 14.07 5.79 28.13
C LYS A 102 12.96 5.59 27.12
N GLY A 103 12.23 4.49 27.26
CA GLY A 103 11.11 4.20 26.40
C GLY A 103 9.91 5.04 26.75
N PRO A 104 8.76 4.77 26.11
CA PRO A 104 7.56 5.56 26.42
C PRO A 104 7.04 5.31 27.82
N ASP A 105 7.34 4.15 28.40
CA ASP A 105 6.95 3.81 29.77
C ASP A 105 7.93 4.32 30.82
N GLY A 106 9.05 4.92 30.42
CA GLY A 106 10.01 5.44 31.36
C GLY A 106 11.16 4.53 31.68
N LEU A 107 11.15 3.28 31.22
CA LEU A 107 12.24 2.35 31.50
C LEU A 107 13.27 2.36 30.38
N THR A 108 14.53 2.15 30.76
CA THR A 108 15.61 1.99 29.80
C THR A 108 15.61 0.57 29.24
N ALA A 109 16.56 0.29 28.35
CA ALA A 109 16.65 -1.05 27.79
C ALA A 109 16.96 -2.09 28.86
N PHE A 110 17.66 -1.69 29.92
CA PHE A 110 17.98 -2.61 31.00
C PHE A 110 16.73 -2.97 31.81
N GLU A 111 15.98 -1.96 32.24
CA GLU A 111 14.82 -2.20 33.08
C GLU A 111 13.65 -2.78 32.31
N ALA A 112 13.61 -2.59 30.99
CA ALA A 112 12.45 -3.00 30.21
C ALA A 112 12.41 -4.50 29.92
N THR A 113 13.56 -5.17 29.94
CA THR A 113 13.62 -6.58 29.58
C THR A 113 13.73 -7.46 30.82
N ASP A 114 13.17 -8.67 30.71
CA ASP A 114 13.37 -9.70 31.72
C ASP A 114 14.32 -10.79 31.27
N ASN A 115 14.69 -10.81 29.99
CA ASN A 115 15.70 -11.73 29.48
C ASN A 115 17.07 -11.25 29.94
N GLN A 116 17.71 -12.01 30.82
CA GLN A 116 18.97 -11.58 31.40
C GLN A 116 20.12 -11.60 30.40
N ALA A 117 20.01 -12.37 29.31
CA ALA A 117 21.05 -12.37 28.30
C ALA A 117 21.21 -11.00 27.67
N ILE A 118 20.09 -10.31 27.43
CA ILE A 118 20.16 -8.93 26.94
C ILE A 118 20.67 -8.00 28.03
N LYS A 119 20.24 -8.24 29.28
CA LYS A 119 20.68 -7.41 30.40
C LYS A 119 22.20 -7.45 30.57
N ALA A 120 22.83 -8.60 30.28
CA ALA A 120 24.27 -8.71 30.44
C ALA A 120 25.01 -7.82 29.45
N LEU A 121 24.53 -7.77 28.20
CA LEU A 121 25.16 -6.91 27.20
C LEU A 121 24.99 -5.44 27.51
N LEU A 122 24.00 -5.08 28.31
CA LEU A 122 23.82 -3.69 28.74
C LEU A 122 24.49 -3.46 30.09
N GLY B 4 1.81 -11.27 -3.95
CA GLY B 4 0.99 -10.12 -4.29
C GLY B 4 1.57 -8.81 -3.81
N SER B 5 1.40 -7.76 -4.61
CA SER B 5 1.91 -6.44 -4.27
C SER B 5 0.94 -5.75 -3.30
N MET B 6 1.46 -5.36 -2.13
CA MET B 6 0.62 -4.65 -1.17
C MET B 6 0.26 -3.25 -1.65
N CYS B 7 1.07 -2.65 -2.52
CA CYS B 7 0.68 -1.37 -3.12
C CYS B 7 -0.46 -1.55 -4.12
N ASP B 8 -0.54 -2.73 -4.74
CA ASP B 8 -1.65 -3.00 -5.66
C ASP B 8 -2.95 -3.24 -4.90
N LYS B 9 -2.87 -3.82 -3.70
CA LYS B 9 -4.07 -4.01 -2.89
C LYS B 9 -4.57 -2.68 -2.33
N GLU B 10 -3.66 -1.85 -1.81
CA GLU B 10 -4.05 -0.55 -1.27
C GLU B 10 -4.73 0.29 -2.35
N PHE B 11 -4.15 0.31 -3.54
CA PHE B 11 -4.78 1.02 -4.66
C PHE B 11 -6.14 0.40 -5.01
N MET B 12 -6.21 -0.93 -5.00
CA MET B 12 -7.48 -1.60 -5.27
C MET B 12 -8.52 -1.26 -4.23
N TRP B 13 -8.12 -1.19 -2.96
CA TRP B 13 -9.07 -0.84 -1.90
C TRP B 13 -9.55 0.60 -2.05
N ALA B 14 -8.66 1.52 -2.43
CA ALA B 14 -9.06 2.91 -2.59
C ALA B 14 -10.05 3.09 -3.72
N LEU B 15 -9.94 2.29 -4.79
CA LEU B 15 -10.88 2.41 -5.90
C LEU B 15 -12.26 1.90 -5.51
N LYS B 16 -12.32 0.79 -4.77
CA LYS B 16 -13.62 0.21 -4.42
C LYS B 16 -14.36 1.05 -3.39
N ASN B 17 -13.64 1.66 -2.45
CA ASN B 17 -14.25 2.36 -1.34
C ASN B 17 -14.36 3.86 -1.57
N GLY B 18 -13.85 4.38 -2.68
CA GLY B 18 -14.00 5.79 -2.99
C GLY B 18 -13.01 6.72 -2.34
N ASP B 19 -11.84 6.23 -1.93
CA ASP B 19 -10.79 7.08 -1.38
C ASP B 19 -10.18 7.88 -2.52
N LEU B 20 -10.82 9.01 -2.83
CA LEU B 20 -10.41 9.80 -3.99
C LEU B 20 -9.01 10.38 -3.80
N ASP B 21 -8.69 10.83 -2.59
CA ASP B 21 -7.37 11.41 -2.34
C ASP B 21 -6.27 10.36 -2.45
N GLU B 22 -6.55 9.14 -1.99
CA GLU B 22 -5.56 8.07 -2.10
C GLU B 22 -5.32 7.69 -3.56
N VAL B 23 -6.39 7.63 -4.36
CA VAL B 23 -6.23 7.33 -5.78
C VAL B 23 -5.42 8.43 -6.48
N LYS B 24 -5.69 9.68 -6.11
CA LYS B 24 -4.93 10.80 -6.69
C LYS B 24 -3.45 10.72 -6.30
N ASP B 25 -3.18 10.34 -5.05
CA ASP B 25 -1.79 10.23 -4.61
C ASP B 25 -1.06 9.09 -5.31
N TYR B 26 -1.78 8.04 -5.70
CA TYR B 26 -1.15 6.95 -6.43
C TYR B 26 -0.85 7.35 -7.87
N VAL B 27 -1.82 7.98 -8.54
CA VAL B 27 -1.59 8.44 -9.91
C VAL B 27 -0.50 9.51 -9.95
N ALA B 28 -0.43 10.35 -8.92
CA ALA B 28 0.65 11.33 -8.86
C ALA B 28 2.00 10.66 -8.68
N LYS B 29 2.05 9.56 -7.93
CA LYS B 29 3.29 8.83 -7.70
C LYS B 29 3.69 7.95 -8.87
N GLY B 30 2.90 7.92 -9.95
CA GLY B 30 3.25 7.18 -11.15
C GLY B 30 2.40 5.97 -11.45
N GLU B 31 1.26 5.79 -10.76
CA GLU B 31 0.40 4.65 -11.03
C GLU B 31 -0.27 4.80 -12.40
N ASP B 32 -0.32 3.70 -13.14
CA ASP B 32 -0.95 3.69 -14.45
C ASP B 32 -2.44 3.39 -14.29
N VAL B 33 -3.27 4.32 -14.79
CA VAL B 33 -4.72 4.15 -14.69
C VAL B 33 -5.26 3.14 -15.69
N ASN B 34 -4.43 2.61 -16.59
CA ASN B 34 -4.85 1.64 -17.58
C ASN B 34 -4.19 0.28 -17.40
N ARG B 35 -3.49 0.07 -16.29
CA ARG B 35 -2.80 -1.19 -16.06
C ARG B 35 -3.75 -2.23 -15.47
N THR B 36 -3.65 -3.45 -15.97
CA THR B 36 -4.46 -4.55 -15.44
C THR B 36 -3.92 -4.97 -14.08
N LEU B 37 -4.75 -4.85 -13.06
CA LEU B 37 -4.34 -5.20 -11.70
C LEU B 37 -4.24 -6.72 -11.55
N GLU B 38 -3.94 -7.16 -10.33
CA GLU B 38 -3.71 -8.58 -10.08
C GLU B 38 -4.96 -9.42 -10.34
N GLY B 39 -6.15 -8.85 -10.14
CA GLY B 39 -7.37 -9.58 -10.33
C GLY B 39 -7.82 -9.76 -11.77
N GLY B 40 -7.07 -9.22 -12.73
CA GLY B 40 -7.45 -9.30 -14.13
C GLY B 40 -8.35 -8.19 -14.60
N ARG B 41 -8.56 -7.15 -13.80
CA ARG B 41 -9.42 -6.04 -14.15
C ARG B 41 -8.61 -4.74 -14.16
N LYS B 42 -9.19 -3.73 -14.78
CA LYS B 42 -8.62 -2.39 -14.82
C LYS B 42 -9.16 -1.55 -13.67
N PRO B 43 -8.50 -0.42 -13.35
CA PRO B 43 -9.03 0.45 -12.29
C PRO B 43 -10.48 0.89 -12.52
N LEU B 44 -10.87 1.13 -13.77
CA LEU B 44 -12.25 1.54 -14.06
C LEU B 44 -13.24 0.44 -13.68
N HIS B 45 -12.85 -0.82 -13.82
CA HIS B 45 -13.76 -1.92 -13.51
C HIS B 45 -14.10 -1.94 -12.03
N TYR B 46 -13.10 -1.76 -11.16
CA TYR B 46 -13.34 -1.78 -9.73
C TYR B 46 -14.21 -0.60 -9.30
N ALA B 47 -13.95 0.59 -9.85
CA ALA B 47 -14.72 1.76 -9.48
C ALA B 47 -16.16 1.65 -9.98
N ALA B 48 -16.34 1.18 -11.22
CA ALA B 48 -17.69 1.03 -11.75
C ALA B 48 -18.46 -0.08 -11.03
N ASP B 49 -17.75 -1.10 -10.55
CA ASP B 49 -18.41 -2.19 -9.84
C ASP B 49 -19.01 -1.71 -8.52
N CYS B 50 -18.32 -0.83 -7.83
CA CYS B 50 -18.75 -0.33 -6.53
C CYS B 50 -19.40 1.04 -6.62
N GLY B 51 -19.72 1.51 -7.82
CA GLY B 51 -20.47 2.75 -7.97
C GLY B 51 -19.74 4.00 -7.53
N GLN B 52 -18.40 3.99 -7.56
CA GLN B 52 -17.62 5.14 -7.13
C GLN B 52 -17.54 6.13 -8.29
N LEU B 53 -18.48 7.06 -8.30
CA LEU B 53 -18.63 8.00 -9.42
C LEU B 53 -17.42 8.92 -9.53
N GLU B 54 -16.99 9.48 -8.40
CA GLU B 54 -15.86 10.42 -8.42
C GLU B 54 -14.58 9.74 -8.88
N ILE B 55 -14.39 8.48 -8.51
CA ILE B 55 -13.22 7.74 -8.98
C ILE B 55 -13.27 7.55 -10.49
N LEU B 56 -14.46 7.24 -11.02
CA LEU B 56 -14.62 7.08 -12.46
C LEU B 56 -14.26 8.38 -13.19
N GLU B 57 -14.76 9.51 -12.70
CA GLU B 57 -14.44 10.80 -13.31
C GLU B 57 -12.94 11.04 -13.31
N PHE B 58 -12.28 10.82 -12.17
CA PHE B 58 -10.85 11.09 -12.07
C PHE B 58 -10.05 10.17 -13.00
N LEU B 59 -10.38 8.88 -13.02
CA LEU B 59 -9.67 7.95 -13.89
C LEU B 59 -9.83 8.33 -15.35
N LEU B 60 -11.03 8.76 -15.75
CA LEU B 60 -11.27 9.09 -17.15
C LEU B 60 -10.49 10.34 -17.58
N LEU B 61 -10.52 11.39 -16.76
CA LEU B 61 -9.75 12.58 -17.10
C LEU B 61 -8.24 12.36 -16.99
N LYS B 62 -7.82 11.24 -16.41
CA LYS B 62 -6.41 10.88 -16.39
C LYS B 62 -6.02 9.95 -17.54
N GLY B 63 -6.95 9.67 -18.46
CA GLY B 63 -6.65 8.91 -19.65
C GLY B 63 -7.04 7.44 -19.64
N ALA B 64 -7.89 7.01 -18.72
CA ALA B 64 -8.28 5.61 -18.66
C ALA B 64 -9.13 5.24 -19.86
N ASP B 65 -8.96 4.01 -20.33
CA ASP B 65 -9.71 3.50 -21.48
C ASP B 65 -11.11 3.11 -21.00
N ILE B 66 -12.11 3.89 -21.42
CA ILE B 66 -13.49 3.67 -20.96
C ILE B 66 -14.06 2.36 -21.48
N ASN B 67 -13.51 1.81 -22.56
CA ASN B 67 -14.06 0.61 -23.19
C ASN B 67 -13.20 -0.62 -22.99
N ALA B 68 -12.16 -0.54 -22.16
CA ALA B 68 -11.27 -1.67 -21.96
C ALA B 68 -12.01 -2.81 -21.26
N PRO B 69 -12.03 -4.01 -21.84
CA PRO B 69 -12.64 -5.15 -21.15
C PRO B 69 -11.66 -5.85 -20.21
N ASP B 70 -12.23 -6.60 -19.28
CA ASP B 70 -11.42 -7.43 -18.39
C ASP B 70 -11.23 -8.81 -19.02
N LYS B 71 -10.73 -9.76 -18.25
CA LYS B 71 -10.48 -11.10 -18.77
C LYS B 71 -11.77 -11.87 -19.06
N HIS B 72 -12.94 -11.30 -18.80
CA HIS B 72 -14.22 -11.95 -19.12
C HIS B 72 -15.06 -11.10 -20.07
N HIS B 73 -14.42 -10.23 -20.86
CA HIS B 73 -15.09 -9.41 -21.85
C HIS B 73 -16.18 -8.53 -21.21
N ILE B 74 -15.88 -8.00 -20.01
CA ILE B 74 -16.78 -7.11 -19.30
C ILE B 74 -16.18 -5.71 -19.32
N THR B 75 -16.96 -4.75 -19.81
CA THR B 75 -16.56 -3.36 -19.90
C THR B 75 -16.92 -2.61 -18.62
N PRO B 76 -16.31 -1.44 -18.39
CA PRO B 76 -16.74 -0.63 -17.23
C PRO B 76 -18.20 -0.25 -17.27
N LEU B 77 -18.77 -0.04 -18.46
CA LEU B 77 -20.20 0.25 -18.56
C LEU B 77 -21.03 -0.97 -18.18
N LEU B 78 -20.64 -2.16 -18.67
CA LEU B 78 -21.35 -3.38 -18.31
C LEU B 78 -21.30 -3.62 -16.81
N SER B 79 -20.14 -3.37 -16.19
CA SER B 79 -20.01 -3.59 -14.75
C SER B 79 -20.91 -2.64 -13.97
N ALA B 80 -21.01 -1.38 -14.41
CA ALA B 80 -21.90 -0.44 -13.74
C ALA B 80 -23.36 -0.76 -14.02
N VAL B 81 -23.66 -1.33 -15.19
CA VAL B 81 -25.03 -1.71 -15.51
C VAL B 81 -25.46 -2.90 -14.66
N TYR B 82 -24.55 -3.85 -14.44
CA TYR B 82 -24.90 -5.07 -13.73
C TYR B 82 -25.36 -4.77 -12.30
N GLU B 83 -24.68 -3.85 -11.62
CA GLU B 83 -24.97 -3.55 -10.23
C GLU B 83 -25.92 -2.38 -10.05
N GLY B 84 -26.54 -1.91 -11.13
CA GLY B 84 -27.56 -0.88 -11.03
C GLY B 84 -27.06 0.47 -10.58
N HIS B 85 -25.78 0.77 -10.73
CA HIS B 85 -25.27 2.09 -10.40
C HIS B 85 -25.69 3.09 -11.48
N VAL B 86 -26.88 3.67 -11.31
CA VAL B 86 -27.48 4.46 -12.39
C VAL B 86 -26.70 5.74 -12.65
N SER B 87 -26.07 6.32 -11.62
CA SER B 87 -25.31 7.54 -11.82
C SER B 87 -23.99 7.28 -12.54
N CYS B 88 -23.39 6.11 -12.31
CA CYS B 88 -22.16 5.77 -13.02
C CYS B 88 -22.45 5.37 -14.46
N VAL B 89 -23.60 4.73 -14.70
CA VAL B 89 -24.00 4.39 -16.06
C VAL B 89 -24.20 5.66 -16.89
N LYS B 90 -24.90 6.64 -16.31
CA LYS B 90 -25.08 7.91 -17.00
C LYS B 90 -23.74 8.60 -17.25
N LEU B 91 -22.84 8.55 -16.26
CA LEU B 91 -21.53 9.15 -16.42
C LEU B 91 -20.77 8.48 -17.55
N LEU B 92 -20.61 7.15 -17.49
CA LEU B 92 -19.86 6.43 -18.51
C LEU B 92 -20.47 6.62 -19.88
N LEU B 93 -21.81 6.62 -19.97
CA LEU B 93 -22.46 6.84 -21.25
C LEU B 93 -22.19 8.25 -21.76
N SER B 94 -22.26 9.25 -20.88
CA SER B 94 -22.04 10.63 -21.28
C SER B 94 -20.57 10.94 -21.56
N LYS B 95 -19.72 9.92 -21.45
CA LYS B 95 -18.29 10.12 -21.75
C LYS B 95 -17.90 9.25 -22.94
N GLY B 96 -18.87 8.70 -23.66
CA GLY B 96 -18.61 7.98 -24.90
C GLY B 96 -18.40 6.49 -24.76
N ALA B 97 -19.02 5.86 -23.77
CA ALA B 97 -18.86 4.42 -23.59
C ALA B 97 -19.63 3.66 -24.66
N ASP B 98 -19.01 2.60 -25.17
CA ASP B 98 -19.62 1.76 -26.20
C ASP B 98 -20.63 0.83 -25.55
N LYS B 99 -21.92 1.09 -25.78
CA LYS B 99 -22.99 0.29 -25.20
C LYS B 99 -23.37 -0.91 -26.05
N THR B 100 -22.67 -1.15 -27.15
CA THR B 100 -22.94 -2.29 -28.03
C THR B 100 -22.16 -3.53 -27.65
N VAL B 101 -21.20 -3.42 -26.73
CA VAL B 101 -20.36 -4.57 -26.38
C VAL B 101 -21.22 -5.64 -25.72
N LYS B 102 -21.06 -6.88 -26.19
CA LYS B 102 -21.75 -8.02 -25.62
C LYS B 102 -20.93 -8.62 -24.50
N GLY B 103 -21.58 -8.90 -23.37
CA GLY B 103 -20.91 -9.46 -22.22
C GLY B 103 -20.48 -10.91 -22.42
N PRO B 104 -19.95 -11.53 -21.37
CA PRO B 104 -19.52 -12.93 -21.50
C PRO B 104 -20.65 -13.89 -21.77
N ASP B 105 -21.89 -13.54 -21.43
CA ASP B 105 -23.06 -14.34 -21.76
C ASP B 105 -23.61 -14.03 -23.14
N GLY B 106 -22.99 -13.11 -23.88
CA GLY B 106 -23.47 -12.72 -25.19
C GLY B 106 -24.55 -11.66 -25.17
N LEU B 107 -24.81 -11.03 -24.04
CA LEU B 107 -25.85 -10.03 -23.91
C LEU B 107 -25.24 -8.64 -23.80
N THR B 108 -25.87 -7.67 -24.44
CA THR B 108 -25.43 -6.29 -24.36
C THR B 108 -25.92 -5.66 -23.05
N ALA B 109 -25.53 -4.41 -22.81
CA ALA B 109 -25.94 -3.73 -21.60
C ALA B 109 -27.44 -3.50 -21.54
N PHE B 110 -28.07 -3.28 -22.68
CA PHE B 110 -29.52 -3.05 -22.70
C PHE B 110 -30.28 -4.32 -22.38
N GLU B 111 -29.80 -5.46 -22.86
CA GLU B 111 -30.48 -6.74 -22.66
C GLU B 111 -30.09 -7.43 -21.36
N ALA B 112 -29.15 -6.87 -20.60
CA ALA B 112 -28.66 -7.51 -19.38
C ALA B 112 -29.25 -6.90 -18.11
N THR B 113 -30.08 -5.87 -18.22
CA THR B 113 -30.63 -5.21 -17.05
C THR B 113 -32.14 -5.12 -17.14
N ASP B 114 -32.79 -5.22 -15.99
CA ASP B 114 -34.22 -4.95 -15.86
C ASP B 114 -34.49 -3.57 -15.27
N ASN B 115 -33.45 -2.87 -14.81
CA ASN B 115 -33.57 -1.50 -14.32
C ASN B 115 -34.08 -0.60 -15.43
N GLN B 116 -35.32 -0.12 -15.30
CA GLN B 116 -35.92 0.70 -16.35
C GLN B 116 -35.20 2.03 -16.51
N ALA B 117 -34.67 2.59 -15.42
CA ALA B 117 -33.93 3.85 -15.53
C ALA B 117 -32.64 3.66 -16.32
N ILE B 118 -32.00 2.50 -16.19
CA ILE B 118 -30.78 2.23 -16.95
C ILE B 118 -31.11 2.03 -18.42
N LYS B 119 -32.18 1.29 -18.71
CA LYS B 119 -32.56 1.05 -20.10
C LYS B 119 -32.88 2.34 -20.83
N ALA B 120 -33.54 3.28 -20.16
CA ALA B 120 -33.83 4.57 -20.77
C ALA B 120 -32.56 5.35 -21.07
N LEU B 121 -31.54 5.20 -20.22
CA LEU B 121 -30.25 5.85 -20.50
C LEU B 121 -29.58 5.24 -21.72
N LEU B 122 -29.80 3.96 -21.97
CA LEU B 122 -29.17 3.27 -23.10
C LEU B 122 -30.00 3.44 -24.37
#